data_5WOQ
#
_entry.id   5WOQ
#
_cell.length_a   101.500
_cell.length_b   54.870
_cell.length_c   60.090
_cell.angle_alpha   90.000
_cell.angle_beta   117.100
_cell.angle_gamma   90.000
#
_symmetry.space_group_name_H-M   'C 1 2 1'
#
loop_
_entity.id
_entity.type
_entity.pdbx_description
1 polymer 'Transcriptional regulator ClgR'
2 water water
#
_entity_poly.entity_id   1
_entity_poly.type   'polypeptide(L)'
_entity_poly.pdbx_seq_one_letter_code
;MAHHHHHHMTALLREVIGDVLRNARTDQGRTLREVSDAARVSLGYLSEVERGRKEASSELLSAICDALDVPLSRVLTDAG
ESMARREHDAREAEQVAVANLGRIDAATKVVIPQVSMAVA
;
_entity_poly.pdbx_strand_id   A,B,C
#
# COMPACT_ATOMS: atom_id res chain seq x y z
N THR A 10 21.11 -19.66 5.21
CA THR A 10 20.43 -20.02 3.96
C THR A 10 20.23 -18.79 3.08
N ALA A 11 19.30 -17.92 3.49
CA ALA A 11 19.06 -16.67 2.78
C ALA A 11 20.34 -15.82 2.79
N LEU A 12 20.62 -15.20 1.65
CA LEU A 12 21.86 -14.45 1.47
C LEU A 12 21.64 -12.97 1.83
N LEU A 13 22.69 -12.34 2.35
CA LEU A 13 22.60 -10.92 2.65
C LEU A 13 21.93 -10.14 1.52
N ARG A 14 22.34 -10.39 0.26
CA ARG A 14 21.84 -9.57 -0.84
C ARG A 14 20.35 -9.79 -1.12
N GLU A 15 19.81 -10.98 -0.82
CA GLU A 15 18.38 -11.21 -0.99
C GLU A 15 17.57 -10.45 0.05
N VAL A 16 18.03 -10.44 1.30
CA VAL A 16 17.30 -9.74 2.36
C VAL A 16 17.47 -8.25 2.22
N ILE A 17 18.66 -7.80 1.83
CA ILE A 17 18.86 -6.38 1.55
C ILE A 17 18.00 -5.95 0.38
N GLY A 18 17.93 -6.79 -0.66
CA GLY A 18 17.18 -6.43 -1.86
C GLY A 18 15.71 -6.21 -1.59
N ASP A 19 15.12 -7.09 -0.77
CA ASP A 19 13.72 -6.94 -0.40
C ASP A 19 13.48 -5.65 0.35
N VAL A 20 14.40 -5.30 1.26
CA VAL A 20 14.30 -4.04 2.00
C VAL A 20 14.38 -2.86 1.04
N LEU A 21 15.29 -2.92 0.07
CA LEU A 21 15.39 -1.81 -0.89
C LEU A 21 14.15 -1.71 -1.76
N ARG A 22 13.63 -2.85 -2.22
CA ARG A 22 12.42 -2.84 -3.04
C ARG A 22 11.24 -2.27 -2.26
N ASN A 23 11.08 -2.70 -1.00
CA ASN A 23 9.99 -2.19 -0.18
C ASN A 23 10.15 -0.68 0.06
N ALA A 24 11.38 -0.21 0.29
CA ALA A 24 11.58 1.23 0.45
C ALA A 24 11.20 1.99 -0.81
N ARG A 25 11.47 1.44 -1.99
CA ARG A 25 11.13 2.13 -3.23
C ARG A 25 9.63 2.14 -3.48
N THR A 26 8.98 0.97 -3.41
CA THR A 26 7.54 0.93 -3.73
C THR A 26 6.73 1.63 -2.65
N ASP A 27 7.25 1.71 -1.41
CA ASP A 27 6.54 2.48 -0.39
C ASP A 27 6.50 3.98 -0.69
N GLN A 28 7.21 4.43 -1.74
CA GLN A 28 7.09 5.82 -2.24
C GLN A 28 6.57 5.85 -3.68
N GLY A 29 6.10 4.72 -4.18
CA GLY A 29 5.56 4.64 -5.53
C GLY A 29 6.55 5.00 -6.62
N ARG A 30 7.85 4.85 -6.36
CA ARG A 30 8.87 5.19 -7.34
C ARG A 30 9.15 4.02 -8.25
N THR A 31 9.52 4.32 -9.48
CA THR A 31 9.84 3.26 -10.44
C THR A 31 11.31 2.90 -10.34
N LEU A 32 11.63 1.69 -10.81
CA LEU A 32 13.03 1.34 -11.04
C LEU A 32 13.75 2.44 -11.81
N ARG A 33 13.11 2.99 -12.85
CA ARG A 33 13.75 4.04 -13.62
C ARG A 33 14.12 5.24 -12.77
N GLU A 34 13.22 5.70 -11.90
CA GLU A 34 13.48 6.91 -11.13
C GLU A 34 14.60 6.71 -10.11
N VAL A 35 14.60 5.56 -9.43
CA VAL A 35 15.62 5.31 -8.43
C VAL A 35 16.97 5.03 -9.09
N SER A 36 16.97 4.27 -10.18
CA SER A 36 18.22 3.99 -10.88
C SER A 36 18.82 5.25 -11.49
N ASP A 37 18.00 6.15 -12.05
CA ASP A 37 18.53 7.43 -12.52
C ASP A 37 19.16 8.21 -11.38
N ALA A 38 18.50 8.23 -10.23
CA ALA A 38 19.00 9.01 -9.09
C ALA A 38 20.29 8.43 -8.56
N ALA A 39 20.36 7.09 -8.49
CA ALA A 39 21.52 6.35 -8.04
C ALA A 39 22.58 6.18 -9.11
N ARG A 40 22.30 6.60 -10.34
CA ARG A 40 23.24 6.53 -11.45
C ARG A 40 23.68 5.09 -11.75
N VAL A 41 22.70 4.20 -11.85
CA VAL A 41 22.93 2.82 -12.26
C VAL A 41 21.86 2.43 -13.24
N SER A 42 22.13 1.37 -14.00
CA SER A 42 21.15 0.92 -14.97
C SER A 42 19.92 0.38 -14.23
N LEU A 43 18.78 0.52 -14.90
CA LEU A 43 17.53 -0.05 -14.39
C LEU A 43 17.69 -1.56 -14.14
N GLY A 44 18.31 -2.27 -15.09
CA GLY A 44 18.44 -3.72 -14.94
C GLY A 44 19.33 -4.10 -13.76
N TYR A 45 20.37 -3.30 -13.51
CA TYR A 45 21.20 -3.56 -12.36
C TYR A 45 20.43 -3.36 -11.07
N LEU A 46 19.67 -2.25 -10.95
CA LEU A 46 18.88 -2.05 -9.75
C LEU A 46 17.88 -3.18 -9.56
N SER A 47 17.19 -3.58 -10.64
CA SER A 47 16.21 -4.66 -10.53
C SER A 47 16.86 -5.92 -9.96
N GLU A 48 18.04 -6.29 -10.47
CA GLU A 48 18.73 -7.48 -10.00
C GLU A 48 19.22 -7.35 -8.56
N VAL A 49 19.61 -6.15 -8.13
CA VAL A 49 19.93 -5.92 -6.73
C VAL A 49 18.69 -6.12 -5.86
N GLU A 50 17.54 -5.60 -6.29
CA GLU A 50 16.32 -5.76 -5.52
C GLU A 50 15.89 -7.22 -5.43
N ARG A 51 16.08 -7.99 -6.51
CA ARG A 51 15.75 -9.41 -6.51
CA ARG A 51 15.75 -9.41 -6.51
C ARG A 51 16.80 -10.26 -5.81
N GLY A 52 17.87 -9.67 -5.29
CA GLY A 52 18.87 -10.46 -4.60
C GLY A 52 19.79 -11.26 -5.49
N ARG A 53 19.97 -10.88 -6.74
CA ARG A 53 20.84 -11.63 -7.62
CA ARG A 53 20.84 -11.61 -7.64
C ARG A 53 22.13 -10.89 -7.96
N LYS A 54 22.25 -9.61 -7.62
CA LYS A 54 23.49 -8.85 -7.79
C LYS A 54 23.87 -8.21 -6.47
N GLU A 55 25.16 -8.27 -6.11
CA GLU A 55 25.63 -7.56 -4.92
C GLU A 55 25.77 -6.08 -5.22
N ALA A 56 25.21 -5.24 -4.35
CA ALA A 56 25.40 -3.80 -4.46
C ALA A 56 26.63 -3.39 -3.65
N SER A 57 27.56 -2.67 -4.27
CA SER A 57 28.68 -2.10 -3.54
C SER A 57 28.16 -1.18 -2.43
N SER A 58 29.01 -0.93 -1.43
CA SER A 58 28.61 0.01 -0.38
C SER A 58 28.28 1.37 -0.98
N GLU A 59 29.06 1.78 -1.98
CA GLU A 59 28.82 3.08 -2.61
C GLU A 59 27.45 3.13 -3.28
N LEU A 60 27.08 2.06 -3.98
CA LEU A 60 25.77 2.06 -4.64
C LEU A 60 24.65 1.96 -3.62
N LEU A 61 24.80 1.12 -2.60
CA LEU A 61 23.83 1.07 -1.53
C LEU A 61 23.58 2.45 -0.94
N SER A 62 24.64 3.21 -0.70
CA SER A 62 24.46 4.54 -0.13
CA SER A 62 24.46 4.54 -0.13
C SER A 62 23.73 5.45 -1.11
N ALA A 63 24.03 5.31 -2.40
CA ALA A 63 23.36 6.12 -3.42
C ALA A 63 21.88 5.79 -3.50
N ILE A 64 21.52 4.50 -3.36
CA ILE A 64 20.11 4.10 -3.34
C ILE A 64 19.41 4.63 -2.08
N CYS A 65 20.04 4.46 -0.91
CA CYS A 65 19.46 5.02 0.31
C CYS A 65 19.24 6.53 0.17
N ASP A 66 20.19 7.24 -0.42
CA ASP A 66 20.03 8.68 -0.59
CA ASP A 66 20.01 8.68 -0.57
C ASP A 66 18.87 9.00 -1.53
N ALA A 67 18.75 8.25 -2.64
CA ALA A 67 17.65 8.45 -3.57
C ALA A 67 16.31 8.19 -2.92
N LEU A 68 16.28 7.36 -1.89
CA LEU A 68 15.04 7.01 -1.22
C LEU A 68 14.85 7.74 0.10
N ASP A 69 15.83 8.54 0.52
CA ASP A 69 15.79 9.20 1.83
C ASP A 69 15.53 8.19 2.94
N VAL A 70 16.25 7.08 2.91
CA VAL A 70 16.19 6.06 3.95
CA VAL A 70 16.19 6.06 3.95
C VAL A 70 17.59 5.94 4.54
N PRO A 71 17.74 5.99 5.86
CA PRO A 71 19.08 5.83 6.44
C PRO A 71 19.56 4.39 6.28
N LEU A 72 20.84 4.26 5.93
CA LEU A 72 21.45 2.94 5.85
C LEU A 72 21.34 2.18 7.16
N SER A 73 21.33 2.88 8.30
CA SER A 73 21.15 2.19 9.57
C SER A 73 19.83 1.44 9.59
N ARG A 74 18.75 2.06 9.09
CA ARG A 74 17.45 1.41 9.10
CA ARG A 74 17.45 1.41 9.11
C ARG A 74 17.38 0.27 8.11
N VAL A 75 18.07 0.40 6.97
CA VAL A 75 18.15 -0.71 6.02
C VAL A 75 18.81 -1.92 6.67
N LEU A 76 19.90 -1.69 7.39
CA LEU A 76 20.63 -2.78 8.04
C LEU A 76 19.81 -3.42 9.17
N THR A 77 19.18 -2.59 10.00
CA THR A 77 18.37 -3.11 11.09
CA THR A 77 18.40 -3.15 11.09
C THR A 77 17.17 -3.88 10.58
N ASP A 78 16.51 -3.35 9.54
CA ASP A 78 15.37 -4.06 9.00
C ASP A 78 15.79 -5.37 8.35
N ALA A 79 16.94 -5.37 7.67
CA ALA A 79 17.47 -6.59 7.08
C ALA A 79 17.81 -7.60 8.14
N GLY A 80 18.39 -7.14 9.26
CA GLY A 80 18.71 -8.03 10.36
C GLY A 80 17.47 -8.65 10.99
N GLU A 81 16.41 -7.85 11.18
CA GLU A 81 15.16 -8.38 11.71
C GLU A 81 14.55 -9.40 10.75
N SER A 82 14.61 -9.12 9.45
CA SER A 82 14.11 -10.08 8.48
C SER A 82 14.96 -11.35 8.50
N MET A 83 16.28 -11.20 8.53
CA MET A 83 17.16 -12.35 8.54
C MET A 83 16.96 -13.17 9.82
N ALA A 84 16.67 -12.51 10.94
CA ALA A 84 16.38 -13.23 12.18
C ALA A 84 15.11 -14.06 12.04
N ARG A 85 14.10 -13.51 11.37
CA ARG A 85 12.90 -14.28 11.07
C ARG A 85 13.23 -15.50 10.24
N ARG A 86 14.02 -15.32 9.17
CA ARG A 86 14.38 -16.45 8.32
C ARG A 86 15.14 -17.52 9.10
N GLU A 87 16.10 -17.10 9.94
CA GLU A 87 16.82 -18.07 10.77
C GLU A 87 15.87 -18.80 11.71
N HIS A 88 14.86 -18.09 12.23
CA HIS A 88 13.93 -18.69 13.18
C HIS A 88 12.96 -19.66 12.52
N ASP A 89 12.83 -19.59 11.20
CA ASP A 89 11.93 -20.50 10.48
C ASP A 89 12.73 -21.69 9.91
N MET B 9 2.12 5.85 10.21
CA MET B 9 0.82 6.15 10.77
C MET B 9 0.40 7.57 10.39
N THR B 10 1.23 8.22 9.58
CA THR B 10 0.96 9.56 9.07
C THR B 10 0.62 9.57 7.59
N ALA B 11 0.57 8.41 6.95
CA ALA B 11 0.29 8.29 5.52
C ALA B 11 -1.19 8.00 5.32
N LEU B 12 -1.80 8.72 4.39
CA LEU B 12 -3.21 8.58 4.08
C LEU B 12 -3.45 7.42 3.13
N LEU B 13 -4.66 6.88 3.19
CA LEU B 13 -5.00 5.73 2.37
C LEU B 13 -4.83 6.05 0.88
N ARG B 14 -5.26 7.25 0.46
CA ARG B 14 -5.14 7.59 -0.96
C ARG B 14 -3.67 7.67 -1.40
N GLU B 15 -2.76 8.08 -0.50
CA GLU B 15 -1.35 8.09 -0.85
C GLU B 15 -0.82 6.68 -1.09
N VAL B 16 -1.18 5.75 -0.19
CA VAL B 16 -0.64 4.40 -0.29
C VAL B 16 -1.24 3.68 -1.49
N ILE B 17 -2.55 3.79 -1.66
CA ILE B 17 -3.21 3.18 -2.82
C ILE B 17 -2.60 3.74 -4.10
N GLY B 18 -2.38 5.06 -4.12
CA GLY B 18 -1.79 5.68 -5.29
C GLY B 18 -0.41 5.15 -5.60
N ASP B 19 0.44 4.97 -4.58
CA ASP B 19 1.75 4.34 -4.78
C ASP B 19 1.60 2.96 -5.43
N VAL B 20 0.66 2.15 -4.92
CA VAL B 20 0.52 0.78 -5.42
C VAL B 20 0.04 0.80 -6.86
N LEU B 21 -0.96 1.64 -7.15
CA LEU B 21 -1.44 1.75 -8.53
C LEU B 21 -0.35 2.26 -9.46
N ARG B 22 0.43 3.25 -9.00
CA ARG B 22 1.50 3.78 -9.85
C ARG B 22 2.56 2.71 -10.12
N ASN B 23 2.95 1.95 -9.11
CA ASN B 23 3.91 0.87 -9.33
C ASN B 23 3.33 -0.19 -10.25
N ALA B 24 2.04 -0.51 -10.11
CA ALA B 24 1.48 -1.56 -10.96
C ALA B 24 1.47 -1.13 -12.42
N ARG B 25 1.05 0.10 -12.71
CA ARG B 25 1.08 0.58 -14.08
C ARG B 25 2.48 0.55 -14.66
N THR B 26 3.45 1.08 -13.92
CA THR B 26 4.79 1.22 -14.46
C THR B 26 5.56 -0.09 -14.46
N ASP B 27 5.21 -1.05 -13.59
CA ASP B 27 5.77 -2.39 -13.69
C ASP B 27 5.44 -3.01 -15.05
N GLN B 28 4.22 -2.80 -15.53
CA GLN B 28 3.79 -3.35 -16.81
C GLN B 28 4.26 -2.52 -18.00
N GLY B 29 4.90 -1.37 -17.76
CA GLY B 29 5.37 -0.53 -18.85
C GLY B 29 4.29 0.21 -19.61
N ARG B 30 3.16 0.51 -18.97
CA ARG B 30 2.03 1.14 -19.64
C ARG B 30 1.92 2.61 -19.27
N THR B 31 1.34 3.38 -20.18
CA THR B 31 1.29 4.82 -20.03
C THR B 31 0.03 5.25 -19.28
N LEU B 32 0.06 6.48 -18.76
CA LEU B 32 -1.13 7.07 -18.17
C LEU B 32 -2.28 7.11 -19.16
N ARG B 33 -1.98 7.45 -20.42
CA ARG B 33 -3.03 7.55 -21.43
C ARG B 33 -3.69 6.20 -21.67
N GLU B 34 -2.88 5.14 -21.79
CA GLU B 34 -3.41 3.80 -22.05
CA GLU B 34 -3.42 3.81 -22.05
C GLU B 34 -4.34 3.35 -20.93
N VAL B 35 -3.87 3.46 -19.69
CA VAL B 35 -4.65 2.97 -18.55
C VAL B 35 -5.90 3.82 -18.34
N SER B 36 -5.78 5.15 -18.46
CA SER B 36 -6.96 5.99 -18.21
C SER B 36 -8.00 5.82 -19.31
N ASP B 37 -7.56 5.66 -20.56
CA ASP B 37 -8.48 5.27 -21.62
C ASP B 37 -9.23 3.98 -21.26
N ALA B 38 -8.49 2.94 -20.87
CA ALA B 38 -9.08 1.64 -20.56
C ALA B 38 -10.04 1.73 -19.38
N ALA B 39 -9.74 2.57 -18.39
CA ALA B 39 -10.60 2.77 -17.24
C ALA B 39 -11.70 3.80 -17.49
N ARG B 40 -11.70 4.47 -18.64
CA ARG B 40 -12.68 5.49 -18.97
C ARG B 40 -12.62 6.64 -17.96
N VAL B 41 -11.41 7.07 -17.62
CA VAL B 41 -11.19 8.26 -16.81
C VAL B 41 -10.18 9.14 -17.55
N SER B 42 -10.17 10.42 -17.18
CA SER B 42 -9.24 11.34 -17.81
C SER B 42 -7.82 11.00 -17.37
N LEU B 43 -6.86 11.38 -18.22
CA LEU B 43 -5.46 11.13 -17.90
C LEU B 43 -5.07 11.85 -16.62
N GLY B 44 -5.51 13.10 -16.47
CA GLY B 44 -5.17 13.85 -15.28
C GLY B 44 -5.78 13.26 -14.02
N TYR B 45 -6.96 12.67 -14.14
CA TYR B 45 -7.57 11.98 -13.01
C TYR B 45 -6.69 10.84 -12.54
N LEU B 46 -6.29 9.98 -13.46
CA LEU B 46 -5.43 8.87 -13.06
C LEU B 46 -4.13 9.39 -12.47
N SER B 47 -3.55 10.42 -13.07
CA SER B 47 -2.34 11.01 -12.53
C SER B 47 -2.54 11.47 -11.09
N GLU B 48 -3.62 12.23 -10.81
CA GLU B 48 -3.89 12.71 -9.46
C GLU B 48 -4.14 11.55 -8.48
N VAL B 49 -4.83 10.51 -8.92
CA VAL B 49 -5.04 9.33 -8.08
C VAL B 49 -3.69 8.70 -7.72
N GLU B 50 -2.80 8.55 -8.71
CA GLU B 50 -1.50 7.93 -8.47
C GLU B 50 -0.67 8.76 -7.49
N ARG B 51 -0.83 10.08 -7.54
CA ARG B 51 -0.09 10.98 -6.69
C ARG B 51 -0.76 11.20 -5.33
N GLY B 52 -1.85 10.50 -5.04
CA GLY B 52 -2.51 10.65 -3.75
C GLY B 52 -3.24 11.97 -3.56
N ARG B 53 -3.57 12.67 -4.65
CA ARG B 53 -4.18 13.99 -4.60
C ARG B 53 -5.68 13.95 -4.78
N LYS B 54 -6.25 12.84 -5.24
CA LYS B 54 -7.69 12.68 -5.38
C LYS B 54 -8.10 11.37 -4.75
N GLU B 55 -9.28 11.34 -4.11
CA GLU B 55 -9.85 10.11 -3.59
C GLU B 55 -10.61 9.43 -4.71
N ALA B 56 -10.15 8.27 -5.14
CA ALA B 56 -10.90 7.52 -6.15
C ALA B 56 -12.11 6.84 -5.51
N SER B 57 -13.26 6.93 -6.18
CA SER B 57 -14.42 6.18 -5.72
C SER B 57 -14.17 4.68 -5.82
N SER B 58 -14.97 3.91 -5.07
CA SER B 58 -14.90 2.46 -5.20
C SER B 58 -15.04 2.04 -6.66
N GLU B 59 -15.98 2.64 -7.38
CA GLU B 59 -16.24 2.24 -8.76
C GLU B 59 -15.06 2.55 -9.65
N LEU B 60 -14.53 3.77 -9.58
CA LEU B 60 -13.39 4.17 -10.40
C LEU B 60 -12.14 3.40 -10.02
N LEU B 61 -11.98 3.07 -8.74
CA LEU B 61 -10.83 2.28 -8.32
C LEU B 61 -10.90 0.88 -8.91
N SER B 62 -12.08 0.26 -8.91
CA SER B 62 -12.19 -1.04 -9.56
CA SER B 62 -12.22 -1.03 -9.58
C SER B 62 -11.97 -0.92 -11.07
N ALA B 63 -12.45 0.16 -11.69
CA ALA B 63 -12.21 0.34 -13.12
C ALA B 63 -10.72 0.41 -13.41
N ILE B 64 -9.95 1.09 -12.55
CA ILE B 64 -8.52 1.21 -12.78
C ILE B 64 -7.83 -0.12 -12.55
N CYS B 65 -8.22 -0.84 -11.50
CA CYS B 65 -7.65 -2.16 -11.29
C CYS B 65 -7.97 -3.07 -12.46
N ASP B 66 -9.24 -3.08 -12.89
CA ASP B 66 -9.61 -3.88 -14.05
C ASP B 66 -8.74 -3.53 -15.24
N ALA B 67 -8.50 -2.24 -15.48
CA ALA B 67 -7.67 -1.83 -16.60
C ALA B 67 -6.24 -2.30 -16.44
N LEU B 68 -5.76 -2.37 -15.21
CA LEU B 68 -4.39 -2.81 -14.94
C LEU B 68 -4.26 -4.33 -14.88
N ASP B 69 -5.36 -5.07 -15.02
CA ASP B 69 -5.35 -6.52 -14.92
CA ASP B 69 -5.35 -6.52 -14.91
C ASP B 69 -4.69 -6.96 -13.61
N VAL B 70 -4.98 -6.19 -12.55
CA VAL B 70 -4.51 -6.46 -11.20
C VAL B 70 -5.77 -6.58 -10.34
N PRO B 71 -5.93 -7.64 -9.55
CA PRO B 71 -7.13 -7.72 -8.70
C PRO B 71 -7.10 -6.64 -7.64
N LEU B 72 -8.28 -6.12 -7.30
CA LEU B 72 -8.32 -5.07 -6.29
C LEU B 72 -7.93 -5.61 -4.94
N SER B 73 -8.27 -6.88 -4.65
CA SER B 73 -7.83 -7.49 -3.40
C SER B 73 -6.32 -7.38 -3.25
N ARG B 74 -5.58 -7.58 -4.35
CA ARG B 74 -4.12 -7.52 -4.28
C ARG B 74 -3.66 -6.10 -3.98
N VAL B 75 -4.28 -5.10 -4.61
CA VAL B 75 -3.91 -3.72 -4.33
C VAL B 75 -4.13 -3.40 -2.85
N LEU B 76 -5.25 -3.86 -2.31
CA LEU B 76 -5.56 -3.63 -0.90
C LEU B 76 -4.54 -4.31 0.02
N THR B 77 -4.28 -5.59 -0.21
CA THR B 77 -3.27 -6.28 0.60
C THR B 77 -1.91 -5.60 0.49
N ASP B 78 -1.50 -5.26 -0.73
CA ASP B 78 -0.23 -4.54 -0.91
C ASP B 78 -0.23 -3.20 -0.15
N ALA B 79 -1.34 -2.45 -0.22
CA ALA B 79 -1.42 -1.20 0.53
C ALA B 79 -1.35 -1.45 2.04
N GLY B 80 -2.04 -2.49 2.50
CA GLY B 80 -1.96 -2.87 3.90
C GLY B 80 -0.54 -3.17 4.34
N GLU B 81 0.19 -3.92 3.52
CA GLU B 81 1.57 -4.24 3.88
C GLU B 81 2.47 -3.01 3.81
N SER B 82 2.23 -2.13 2.83
CA SER B 82 2.99 -0.89 2.81
C SER B 82 2.67 -0.05 4.03
N MET B 83 1.38 0.04 4.39
CA MET B 83 0.98 0.86 5.54
C MET B 83 1.60 0.33 6.82
N ALA B 84 1.65 -0.99 6.98
CA ALA B 84 2.23 -1.55 8.19
C ALA B 84 3.71 -1.21 8.31
N ARG B 85 4.42 -1.18 7.18
CA ARG B 85 5.83 -0.76 7.21
C ARG B 85 5.94 0.73 7.54
N ARG B 86 5.02 1.55 7.00
CA ARG B 86 5.05 2.97 7.31
C ARG B 86 4.73 3.20 8.78
N GLU B 87 3.79 2.42 9.33
CA GLU B 87 3.50 2.52 10.76
C GLU B 87 4.72 2.13 11.59
N HIS B 88 5.43 1.07 11.19
CA HIS B 88 6.62 0.65 11.90
C HIS B 88 7.72 1.71 11.83
N ASP B 89 7.90 2.34 10.66
CA ASP B 89 8.91 3.37 10.53
C ASP B 89 8.58 4.60 11.37
N ALA B 90 7.30 4.95 11.49
CA ALA B 90 6.91 6.07 12.34
C ALA B 90 7.05 5.72 13.82
N ARG B 91 6.79 4.47 14.20
CA ARG B 91 7.01 4.05 15.58
C ARG B 91 8.49 3.99 15.91
N GLU B 92 9.33 3.61 14.94
CA GLU B 92 10.77 3.60 15.18
C GLU B 92 11.29 5.02 15.38
N ALA B 93 11.01 5.91 14.44
CA ALA B 93 11.41 7.30 14.57
C ALA B 93 10.43 8.08 15.44
N ALA C 11 -17.00 -6.47 -6.56
CA ALA C 11 -17.31 -6.00 -5.22
C ALA C 11 -16.65 -4.65 -4.92
N LEU C 12 -17.34 -3.80 -4.16
CA LEU C 12 -16.91 -2.43 -3.92
C LEU C 12 -16.02 -2.32 -2.67
N LEU C 13 -15.09 -1.37 -2.71
CA LEU C 13 -14.21 -1.16 -1.57
C LEU C 13 -14.97 -0.60 -0.37
N ARG C 14 -15.86 0.39 -0.59
CA ARG C 14 -16.44 1.05 0.57
C ARG C 14 -17.34 0.11 1.38
N GLU C 15 -17.87 -0.95 0.79
CA GLU C 15 -18.69 -1.89 1.56
C GLU C 15 -17.82 -2.89 2.32
N VAL C 16 -16.71 -3.33 1.74
CA VAL C 16 -15.80 -4.22 2.47
C VAL C 16 -15.20 -3.49 3.66
N ILE C 17 -14.72 -2.26 3.44
CA ILE C 17 -14.10 -1.50 4.53
C ILE C 17 -15.13 -1.19 5.61
N GLY C 18 -16.35 -0.81 5.19
CA GLY C 18 -17.40 -0.56 6.17
C GLY C 18 -17.68 -1.77 7.05
N ASP C 19 -17.68 -2.96 6.45
CA ASP C 19 -17.83 -4.19 7.22
C ASP C 19 -16.70 -4.36 8.22
N VAL C 20 -15.46 -4.20 7.74
CA VAL C 20 -14.29 -4.30 8.62
C VAL C 20 -14.41 -3.31 9.76
N LEU C 21 -14.81 -2.07 9.45
CA LEU C 21 -14.92 -1.04 10.48
C LEU C 21 -16.01 -1.36 11.49
N ARG C 22 -17.16 -1.82 11.02
CA ARG C 22 -18.24 -2.16 11.95
C ARG C 22 -17.78 -3.26 12.89
N ASN C 23 -17.13 -4.30 12.36
CA ASN C 23 -16.71 -5.41 13.20
C ASN C 23 -15.69 -4.96 14.25
N ALA C 24 -14.76 -4.08 13.86
CA ALA C 24 -13.76 -3.62 14.83
C ALA C 24 -14.43 -2.81 15.94
N ARG C 25 -15.48 -2.07 15.61
CA ARG C 25 -16.21 -1.30 16.61
C ARG C 25 -16.92 -2.21 17.62
N THR C 26 -17.64 -3.22 17.13
CA THR C 26 -18.44 -4.03 18.04
C THR C 26 -17.57 -4.97 18.86
N ASP C 27 -16.42 -5.37 18.31
CA ASP C 27 -15.48 -6.18 19.06
C ASP C 27 -14.99 -5.46 20.30
N GLN C 28 -14.96 -4.12 20.28
CA GLN C 28 -14.62 -3.35 21.47
C GLN C 28 -15.84 -2.95 22.28
N GLY C 29 -17.04 -3.39 21.89
CA GLY C 29 -18.26 -2.97 22.54
C GLY C 29 -18.61 -1.51 22.39
N ARG C 30 -17.84 -0.75 21.62
CA ARG C 30 -18.04 0.68 21.51
C ARG C 30 -19.34 1.00 20.77
N THR C 31 -19.96 2.10 21.17
CA THR C 31 -21.19 2.57 20.54
C THR C 31 -20.86 3.47 19.35
N LEU C 32 -21.85 3.62 18.47
CA LEU C 32 -21.72 4.58 17.38
C LEU C 32 -21.46 5.97 17.90
N ARG C 33 -22.07 6.34 19.02
CA ARG C 33 -21.88 7.67 19.59
C ARG C 33 -20.46 7.87 20.06
N GLU C 34 -19.90 6.89 20.78
CA GLU C 34 -18.53 7.00 21.25
C GLU C 34 -17.56 7.12 20.09
N VAL C 35 -17.69 6.26 19.09
CA VAL C 35 -16.77 6.31 17.96
C VAL C 35 -16.99 7.59 17.17
N SER C 36 -18.24 7.99 16.96
CA SER C 36 -18.48 9.20 16.18
C SER C 36 -17.99 10.43 16.93
N ASP C 37 -18.30 10.53 18.22
CA ASP C 37 -17.78 11.63 19.03
C ASP C 37 -16.26 11.64 19.02
N ALA C 38 -15.64 10.47 19.15
CA ALA C 38 -14.18 10.41 19.15
C ALA C 38 -13.60 10.76 17.79
N ALA C 39 -14.30 10.42 16.71
CA ALA C 39 -13.82 10.66 15.36
C ALA C 39 -14.31 11.99 14.79
N ARG C 40 -15.06 12.77 15.58
CA ARG C 40 -15.56 14.08 15.18
C ARG C 40 -16.46 13.99 13.96
N VAL C 41 -17.31 12.95 13.91
CA VAL C 41 -18.28 12.85 12.83
C VAL C 41 -19.67 12.62 13.43
N SER C 42 -20.67 12.84 12.59
CA SER C 42 -22.04 12.58 13.02
C SER C 42 -22.26 11.07 13.11
N LEU C 43 -23.12 10.69 14.06
CA LEU C 43 -23.52 9.29 14.18
C LEU C 43 -24.08 8.77 12.86
N GLY C 44 -24.86 9.60 12.16
CA GLY C 44 -25.46 9.15 10.93
C GLY C 44 -24.46 8.87 9.83
N TYR C 45 -23.43 9.70 9.71
CA TYR C 45 -22.42 9.46 8.68
C TYR C 45 -21.59 8.22 8.99
N LEU C 46 -21.21 8.04 10.26
CA LEU C 46 -20.50 6.81 10.62
C LEU C 46 -21.30 5.59 10.18
N SER C 47 -22.61 5.59 10.44
CA SER C 47 -23.44 4.47 10.04
C SER C 47 -23.45 4.28 8.54
N GLU C 48 -23.53 5.38 7.77
CA GLU C 48 -23.47 5.30 6.32
C GLU C 48 -22.15 4.67 5.86
N VAL C 49 -21.05 5.05 6.48
CA VAL C 49 -19.74 4.47 6.12
C VAL C 49 -19.75 2.97 6.40
N GLU C 50 -20.16 2.58 7.61
CA GLU C 50 -20.14 1.16 7.98
C GLU C 50 -21.03 0.35 7.05
N ARG C 51 -22.18 0.90 6.67
CA ARG C 51 -23.10 0.22 5.75
C ARG C 51 -22.68 0.34 4.29
N GLY C 52 -21.49 0.89 4.01
CA GLY C 52 -21.04 1.02 2.64
C GLY C 52 -21.79 2.03 1.80
N ARG C 53 -22.56 2.93 2.42
CA ARG C 53 -23.39 3.86 1.67
C ARG C 53 -22.63 5.12 1.28
N LYS C 54 -21.58 5.47 2.02
CA LYS C 54 -20.77 6.64 1.72
C LYS C 54 -19.30 6.24 1.71
N GLU C 55 -18.53 6.91 0.85
CA GLU C 55 -17.09 6.73 0.79
C GLU C 55 -16.44 7.55 1.89
N ALA C 56 -15.74 6.87 2.81
CA ALA C 56 -14.93 7.59 3.78
C ALA C 56 -13.71 8.19 3.09
N SER C 57 -13.43 9.46 3.40
CA SER C 57 -12.15 10.02 2.98
C SER C 57 -11.02 9.35 3.76
N SER C 58 -9.80 9.47 3.22
CA SER C 58 -8.64 8.97 3.95
C SER C 58 -8.55 9.57 5.34
N GLU C 59 -8.84 10.87 5.45
CA GLU C 59 -8.73 11.54 6.74
C GLU C 59 -9.74 10.99 7.73
N LEU C 60 -10.99 10.77 7.28
CA LEU C 60 -11.99 10.21 8.16
C LEU C 60 -11.69 8.75 8.49
N LEU C 61 -11.37 7.95 7.48
CA LEU C 61 -11.02 6.56 7.71
C LEU C 61 -9.92 6.46 8.76
N SER C 62 -8.94 7.35 8.67
CA SER C 62 -7.86 7.37 9.66
C SER C 62 -8.38 7.80 11.04
N ALA C 63 -9.30 8.78 11.09
CA ALA C 63 -9.86 9.18 12.38
C ALA C 63 -10.65 8.04 13.01
N ILE C 64 -11.39 7.28 12.20
CA ILE C 64 -12.16 6.17 12.73
C ILE C 64 -11.22 5.12 13.34
N CYS C 65 -10.20 4.70 12.57
CA CYS C 65 -9.25 3.71 13.07
C CYS C 65 -8.63 4.16 14.39
N ASP C 66 -8.31 5.45 14.51
CA ASP C 66 -7.78 5.96 15.77
C ASP C 66 -8.76 5.74 16.91
N ALA C 67 -10.00 6.19 16.74
CA ALA C 67 -11.03 6.00 17.76
C ALA C 67 -11.22 4.53 18.13
N LEU C 68 -10.91 3.62 17.22
CA LEU C 68 -10.99 2.20 17.51
C LEU C 68 -9.70 1.61 18.03
N ASP C 69 -8.63 2.40 18.09
CA ASP C 69 -7.31 1.91 18.47
C ASP C 69 -6.92 0.72 17.61
N VAL C 70 -7.17 0.83 16.30
CA VAL C 70 -6.89 -0.24 15.34
C VAL C 70 -6.05 0.34 14.21
N PRO C 71 -4.97 -0.32 13.78
CA PRO C 71 -4.16 0.25 12.70
C PRO C 71 -4.86 0.13 11.36
N LEU C 72 -4.70 1.18 10.54
CA LEU C 72 -5.27 1.17 9.21
C LEU C 72 -4.68 0.05 8.36
N SER C 73 -3.40 -0.26 8.56
CA SER C 73 -2.78 -1.39 7.87
C SER C 73 -3.60 -2.66 8.03
N ARG C 74 -4.11 -2.90 9.25
CA ARG C 74 -4.86 -4.13 9.50
CA ARG C 74 -4.86 -4.12 9.51
C ARG C 74 -6.24 -4.06 8.89
N VAL C 75 -6.87 -2.87 8.90
CA VAL C 75 -8.14 -2.71 8.20
C VAL C 75 -7.96 -3.06 6.73
N LEU C 76 -6.85 -2.61 6.13
CA LEU C 76 -6.58 -2.82 4.71
C LEU C 76 -6.28 -4.27 4.41
N THR C 77 -5.42 -4.91 5.20
CA THR C 77 -5.17 -6.33 4.98
CA THR C 77 -5.17 -6.33 4.99
C THR C 77 -6.43 -7.14 5.24
N ASP C 78 -7.20 -6.80 6.29
CA ASP C 78 -8.46 -7.49 6.51
C ASP C 78 -9.38 -7.33 5.31
N ALA C 79 -9.52 -6.09 4.81
CA ALA C 79 -10.37 -5.86 3.66
C ALA C 79 -9.84 -6.58 2.43
N GLY C 80 -8.51 -6.62 2.28
CA GLY C 80 -7.94 -7.32 1.14
C GLY C 80 -8.23 -8.80 1.13
N GLU C 81 -8.18 -9.44 2.30
CA GLU C 81 -8.48 -10.88 2.42
C GLU C 81 -9.95 -11.14 2.10
N SER C 82 -10.84 -10.35 2.70
CA SER C 82 -12.27 -10.50 2.44
CA SER C 82 -12.27 -10.50 2.44
CA SER C 82 -12.28 -10.47 2.46
C SER C 82 -12.57 -10.40 0.96
N MET C 83 -12.02 -9.36 0.31
CA MET C 83 -12.24 -9.17 -1.12
CA MET C 83 -12.24 -9.17 -1.12
C MET C 83 -11.74 -10.36 -1.92
N ALA C 84 -10.58 -10.91 -1.56
CA ALA C 84 -10.04 -12.04 -2.30
C ALA C 84 -10.95 -13.26 -2.18
N ARG C 85 -11.44 -13.54 -0.97
CA ARG C 85 -12.37 -14.64 -0.80
C ARG C 85 -13.62 -14.46 -1.65
N ARG C 86 -14.23 -13.27 -1.59
CA ARG C 86 -15.45 -13.02 -2.35
C ARG C 86 -15.22 -13.16 -3.85
N GLU C 87 -14.12 -12.59 -4.34
CA GLU C 87 -13.78 -12.72 -5.76
C GLU C 87 -13.70 -14.19 -6.16
N HIS C 88 -12.98 -14.98 -5.36
CA HIS C 88 -12.90 -16.42 -5.63
C HIS C 88 -14.28 -17.06 -5.59
N ASP C 89 -15.04 -16.81 -4.52
CA ASP C 89 -16.37 -17.43 -4.39
C ASP C 89 -17.28 -17.05 -5.55
N ALA C 90 -17.15 -15.83 -6.07
CA ALA C 90 -18.04 -15.39 -7.13
C ALA C 90 -17.72 -16.09 -8.45
N ARG C 91 -16.44 -16.37 -8.70
CA ARG C 91 -16.05 -17.04 -9.94
C ARG C 91 -16.62 -18.45 -9.99
N GLU C 92 -16.69 -19.14 -8.84
CA GLU C 92 -17.36 -20.42 -8.80
C GLU C 92 -18.84 -20.29 -9.17
N ALA C 93 -19.46 -19.18 -8.78
CA ALA C 93 -20.87 -18.93 -9.05
C ALA C 93 -21.10 -18.48 -10.49
#